data_6OH6
#
_entry.id   6OH6
#
_cell.length_a   107.050
_cell.length_b   107.050
_cell.length_c   88.821
_cell.angle_alpha   90.000
_cell.angle_beta   90.000
_cell.angle_gamma   120.000
#
_symmetry.space_group_name_H-M   'P 32 2 1'
#
loop_
_entity.id
_entity.type
_entity.pdbx_description
1 polymer 'Labdane-related diterpene synthase'
2 non-polymer PYROPHOSPHATE
3 non-polymer 'MAGNESIUM ION'
4 non-polymer GLYCEROL
5 non-polymer DI(HYDROXYETHYL)ETHER
6 water water
#
_entity_poly.entity_id   1
_entity_poly.type   'polypeptide(L)'
_entity_poly.pdbx_seq_one_letter_code
;MTDTDDGGTMLPLPDFTATFPEPFPAGPHSERTEHRLLDWLEEHPLLPSAKAKAVLVNITSHGASRTFPTADADDLLLFA
ELLLWLTAFDDVHAEGNGVGGPAALVDRASELMLVLAGGNPPRAMSPFPAVLHDLLARFRARASAAAYHRLAASLRDTLM
ALVWEAHHVAKPEGVALATYLAMRPHTVFIKTITAAGEILLGYELTDTQRALAAVRNLETAVANLAGWINDLASYEREMQ
RGRGQPLSLPTLLHARHGGTIEEAFTRASSMCENEAAVARRGITHLAHASPNALTAHARALEDITRSFIWHTSHARYQGI
RPNRGSSTSSPARSLQHHHHHH
;
_entity_poly.pdbx_strand_id   A
#
loop_
_chem_comp.id
_chem_comp.type
_chem_comp.name
_chem_comp.formula
GOL non-polymer GLYCEROL 'C3 H8 O3'
MG non-polymer 'MAGNESIUM ION' 'Mg 2'
PEG non-polymer DI(HYDROXYETHYL)ETHER 'C4 H10 O3'
PPV non-polymer PYROPHOSPHATE 'H4 O7 P2'
#
# COMPACT_ATOMS: atom_id res chain seq x y z
N MET A 10 9.25 -20.58 -11.95
CA MET A 10 7.82 -20.74 -12.22
C MET A 10 6.99 -20.12 -11.09
N LEU A 11 6.58 -20.96 -10.13
CA LEU A 11 5.73 -20.64 -9.00
C LEU A 11 4.32 -20.29 -9.46
N PRO A 12 3.33 -21.10 -9.09
CA PRO A 12 1.94 -20.81 -9.48
C PRO A 12 1.49 -19.44 -8.98
N LEU A 13 0.84 -18.69 -9.84
CA LEU A 13 0.36 -17.36 -9.52
C LEU A 13 -1.15 -17.31 -9.74
N PRO A 14 -1.84 -16.39 -9.07
CA PRO A 14 -3.29 -16.29 -9.26
C PRO A 14 -3.67 -15.70 -10.60
N ASP A 15 -4.79 -16.17 -11.11
CA ASP A 15 -5.36 -15.72 -12.37
C ASP A 15 -6.64 -14.94 -12.07
N PHE A 16 -6.65 -13.65 -12.41
CA PHE A 16 -7.79 -12.76 -12.15
C PHE A 16 -8.61 -12.47 -13.40
N THR A 17 -8.43 -13.25 -14.48
CA THR A 17 -9.13 -12.94 -15.72
C THR A 17 -10.64 -12.91 -15.49
N ALA A 18 -11.19 -13.82 -14.69
CA ALA A 18 -12.64 -13.82 -14.52
C ALA A 18 -13.16 -12.69 -13.64
N THR A 19 -12.32 -12.10 -12.78
CA THR A 19 -12.74 -11.11 -11.80
C THR A 19 -12.25 -9.70 -12.08
N PHE A 20 -10.96 -9.54 -12.43
CA PHE A 20 -10.38 -8.24 -12.74
C PHE A 20 -9.57 -8.33 -14.03
N PRO A 21 -10.24 -8.47 -15.18
CA PRO A 21 -9.51 -8.65 -16.45
C PRO A 21 -8.66 -7.44 -16.82
N GLU A 22 -7.55 -7.70 -17.50
CA GLU A 22 -6.79 -6.63 -18.13
C GLU A 22 -7.59 -6.06 -19.30
N PRO A 23 -7.21 -4.88 -19.81
CA PRO A 23 -6.18 -3.95 -19.31
C PRO A 23 -6.75 -3.09 -18.19
N PHE A 24 -5.87 -2.42 -17.45
CA PHE A 24 -6.34 -1.56 -16.38
C PHE A 24 -6.21 -0.12 -16.83
N PRO A 25 -7.31 0.64 -16.86
CA PRO A 25 -7.28 2.00 -17.41
C PRO A 25 -6.33 2.89 -16.61
N ALA A 26 -5.45 3.59 -17.33
CA ALA A 26 -4.57 4.59 -16.74
C ALA A 26 -5.00 5.96 -17.22
N GLY A 27 -5.00 6.93 -16.32
CA GLY A 27 -5.35 8.29 -16.66
C GLY A 27 -4.28 8.95 -17.50
N PRO A 28 -4.47 10.25 -17.77
CA PRO A 28 -3.58 10.97 -18.69
C PRO A 28 -2.23 11.35 -18.10
N HIS A 29 -2.24 11.85 -16.87
CA HIS A 29 -1.09 12.62 -16.37
C HIS A 29 0.02 11.75 -15.83
N SER A 30 0.25 10.58 -16.42
CA SER A 30 1.24 9.66 -15.87
C SER A 30 2.66 10.16 -16.07
N GLU A 31 2.94 10.74 -17.23
CA GLU A 31 4.33 11.10 -17.52
C GLU A 31 4.70 12.44 -16.89
N ARG A 32 3.77 13.38 -16.80
CA ARG A 32 4.04 14.63 -16.12
C ARG A 32 4.29 14.38 -14.64
N THR A 33 3.40 13.62 -14.00
CA THR A 33 3.59 13.22 -12.60
C THR A 33 4.96 12.60 -12.37
N GLU A 34 5.40 11.73 -13.28
CA GLU A 34 6.72 11.15 -13.17
C GLU A 34 7.82 12.20 -13.23
N HIS A 35 7.63 13.26 -14.03
CA HIS A 35 8.65 14.31 -14.09
C HIS A 35 8.56 15.24 -12.88
N ARG A 36 7.34 15.64 -12.49
CA ARG A 36 7.18 16.49 -11.32
C ARG A 36 7.62 15.78 -10.04
N LEU A 37 7.57 14.44 -10.01
CA LEU A 37 8.08 13.70 -8.86
C LEU A 37 9.61 13.74 -8.82
N LEU A 38 10.27 13.70 -9.98
CA LEU A 38 11.72 13.75 -9.97
C LEU A 38 12.23 15.13 -9.60
N ASP A 39 11.49 16.19 -9.96
CA ASP A 39 11.87 17.54 -9.54
C ASP A 39 11.69 17.70 -8.04
N TRP A 40 10.58 17.21 -7.52
CA TRP A 40 10.36 17.22 -6.07
C TRP A 40 11.50 16.51 -5.34
N LEU A 41 11.92 15.34 -5.84
CA LEU A 41 12.92 14.56 -5.13
C LEU A 41 14.32 15.18 -5.18
N GLU A 42 14.64 15.94 -6.23
CA GLU A 42 15.91 16.66 -6.19
C GLU A 42 15.89 17.73 -5.11
N GLU A 43 14.71 18.27 -4.83
CA GLU A 43 14.52 19.23 -3.75
C GLU A 43 14.44 18.56 -2.38
N HIS A 44 14.07 17.28 -2.30
CA HIS A 44 13.94 16.56 -1.03
C HIS A 44 14.44 15.14 -1.19
N PRO A 45 15.75 14.93 -1.23
CA PRO A 45 16.28 13.58 -1.50
C PRO A 45 15.93 12.53 -0.44
N LEU A 46 14.98 11.66 -0.76
CA LEU A 46 14.57 10.58 0.13
C LEU A 46 15.24 9.26 -0.17
N LEU A 47 15.73 9.07 -1.40
CA LEU A 47 16.36 7.86 -1.88
C LEU A 47 17.85 8.08 -2.09
N PRO A 48 18.70 7.13 -1.68
CA PRO A 48 20.13 7.31 -1.89
C PRO A 48 20.47 7.25 -3.37
N SER A 49 20.08 6.15 -4.02
CA SER A 49 20.48 5.86 -5.38
C SER A 49 19.56 6.55 -6.39
N ALA A 50 20.15 6.96 -7.53
CA ALA A 50 19.35 7.47 -8.62
C ALA A 50 18.65 6.33 -9.36
N LYS A 51 19.25 5.15 -9.39
CA LYS A 51 18.59 3.97 -9.96
C LYS A 51 17.33 3.62 -9.18
N ALA A 52 17.48 3.42 -7.87
CA ALA A 52 16.33 3.18 -7.00
C ALA A 52 15.28 4.27 -7.15
N LYS A 53 15.72 5.52 -7.23
CA LYS A 53 14.77 6.61 -7.37
C LYS A 53 13.95 6.50 -8.66
N ALA A 54 14.58 6.06 -9.75
CA ALA A 54 13.88 6.05 -11.04
C ALA A 54 12.82 4.97 -11.09
N VAL A 55 13.14 3.76 -10.62
CA VAL A 55 12.17 2.68 -10.55
C VAL A 55 10.99 3.06 -9.67
N LEU A 56 11.27 3.60 -8.48
CA LEU A 56 10.18 3.91 -7.55
C LEU A 56 9.32 5.06 -8.04
N VAL A 57 9.94 6.07 -8.68
CA VAL A 57 9.15 7.17 -9.24
C VAL A 57 8.25 6.65 -10.36
N ASN A 58 8.74 5.70 -11.14
CA ASN A 58 7.99 5.18 -12.27
C ASN A 58 6.76 4.40 -11.81
N ILE A 59 6.95 3.38 -10.95
CA ILE A 59 5.81 2.57 -10.51
C ILE A 59 4.82 3.41 -9.72
N THR A 60 5.29 4.41 -8.98
CA THR A 60 4.39 5.26 -8.22
C THR A 60 3.55 6.11 -9.14
N SER A 61 4.17 6.82 -10.10
CA SER A 61 3.41 7.70 -10.98
C SER A 61 2.48 6.89 -11.90
N HIS A 62 3.02 5.89 -12.60
CA HIS A 62 2.20 5.08 -13.47
C HIS A 62 1.17 4.26 -12.69
N GLY A 63 1.56 3.77 -11.50
CA GLY A 63 0.57 3.09 -10.68
C GLY A 63 -0.52 4.01 -10.18
N ALA A 64 -0.15 5.25 -9.85
CA ALA A 64 -1.16 6.18 -9.36
C ALA A 64 -2.15 6.55 -10.45
N SER A 65 -1.70 6.61 -11.70
CA SER A 65 -2.63 6.82 -12.81
C SER A 65 -3.69 5.74 -12.86
N ARG A 66 -3.34 4.49 -12.49
N ARG A 66 -3.34 4.49 -12.47
CA ARG A 66 -4.35 3.43 -12.49
CA ARG A 66 -4.32 3.41 -12.48
C ARG A 66 -5.19 3.43 -11.23
C ARG A 66 -5.16 3.37 -11.21
N THR A 67 -4.60 3.83 -10.10
CA THR A 67 -5.35 3.85 -8.85
C THR A 67 -6.46 4.90 -8.90
N PHE A 68 -6.18 6.08 -9.43
CA PHE A 68 -7.15 7.16 -9.53
C PHE A 68 -7.19 7.69 -10.96
N PRO A 69 -7.83 6.94 -11.87
CA PRO A 69 -7.89 7.40 -13.28
C PRO A 69 -8.60 8.75 -13.45
N THR A 70 -9.59 9.07 -12.62
CA THR A 70 -10.29 10.36 -12.69
C THR A 70 -9.35 11.54 -12.53
N ALA A 71 -8.53 11.51 -11.48
CA ALA A 71 -7.35 12.36 -11.34
C ALA A 71 -7.62 13.85 -11.17
N ASP A 72 -6.87 14.63 -11.96
CA ASP A 72 -6.41 15.99 -11.71
C ASP A 72 -4.90 15.89 -11.55
N ALA A 73 -4.14 16.45 -12.49
CA ALA A 73 -2.68 16.30 -12.45
C ALA A 73 -2.09 16.76 -11.11
N ASP A 74 -2.77 17.69 -10.43
CA ASP A 74 -2.32 18.20 -9.14
C ASP A 74 -2.66 17.25 -8.01
N ASP A 75 -3.94 16.87 -7.89
CA ASP A 75 -4.35 15.91 -6.88
C ASP A 75 -3.57 14.62 -6.99
N LEU A 76 -3.33 14.16 -8.22
CA LEU A 76 -2.57 12.94 -8.44
C LEU A 76 -1.15 13.07 -7.89
N LEU A 77 -0.52 14.23 -8.12
CA LEU A 77 0.85 14.42 -7.67
C LEU A 77 0.93 14.40 -6.14
N LEU A 78 -0.06 14.99 -5.47
CA LEU A 78 -0.13 14.91 -4.02
C LEU A 78 -0.12 13.46 -3.55
N PHE A 79 -1.14 12.69 -3.96
CA PHE A 79 -1.20 11.28 -3.59
C PHE A 79 0.08 10.53 -3.95
N ALA A 80 0.60 10.79 -5.16
CA ALA A 80 1.82 10.12 -5.58
C ALA A 80 2.99 10.46 -4.66
N GLU A 81 3.04 11.70 -4.19
CA GLU A 81 4.11 12.12 -3.27
C GLU A 81 3.97 11.42 -1.92
N LEU A 82 2.75 11.33 -1.41
CA LEU A 82 2.53 10.60 -0.16
C LEU A 82 2.88 9.13 -0.30
N LEU A 83 2.47 8.49 -1.40
CA LEU A 83 2.73 7.07 -1.57
C LEU A 83 4.21 6.80 -1.77
N LEU A 84 4.89 7.65 -2.55
CA LEU A 84 6.33 7.51 -2.67
C LEU A 84 7.03 7.78 -1.35
N TRP A 85 6.58 8.79 -0.59
CA TRP A 85 7.19 9.03 0.71
C TRP A 85 7.08 7.79 1.60
N LEU A 86 5.91 7.16 1.62
CA LEU A 86 5.68 6.02 2.48
C LEU A 86 6.47 4.79 2.02
N THR A 87 6.47 4.54 0.73
CA THR A 87 7.24 3.42 0.20
C THR A 87 8.74 3.60 0.42
N ALA A 88 9.24 4.82 0.20
CA ALA A 88 10.65 5.11 0.46
C ALA A 88 11.01 4.91 1.93
N PHE A 89 10.12 5.29 2.82
CA PHE A 89 10.35 5.08 4.26
C PHE A 89 10.43 3.59 4.53
N ASP A 90 9.47 2.81 4.04
CA ASP A 90 9.48 1.33 4.19
C ASP A 90 10.83 0.83 3.67
N ASP A 91 11.22 1.22 2.45
CA ASP A 91 12.42 0.68 1.80
C ASP A 91 13.72 1.11 2.48
N VAL A 92 13.77 2.31 3.04
CA VAL A 92 15.01 2.78 3.65
C VAL A 92 15.17 2.28 5.08
N HIS A 93 14.12 2.38 5.90
CA HIS A 93 14.21 2.12 7.34
C HIS A 93 13.61 0.79 7.77
N ALA A 94 12.47 0.41 7.24
CA ALA A 94 11.72 -0.72 7.77
C ALA A 94 12.23 -2.04 7.16
N GLU A 95 11.47 -3.12 7.42
CA GLU A 95 11.73 -4.54 7.01
C GLU A 95 13.18 -5.01 7.22
N GLY A 96 13.95 -4.35 8.09
CA GLY A 96 15.35 -4.65 8.28
C GLY A 96 16.28 -4.08 7.23
N ASN A 97 15.78 -3.19 6.35
CA ASN A 97 16.67 -2.60 5.36
C ASN A 97 17.68 -1.65 5.99
N GLY A 98 17.32 -1.01 7.10
CA GLY A 98 18.22 -0.13 7.81
C GLY A 98 18.95 -0.84 8.93
N VAL A 99 20.06 -0.25 9.36
CA VAL A 99 20.86 -0.85 10.42
C VAL A 99 20.44 -0.25 11.75
N GLY A 100 20.78 -0.96 12.84
CA GLY A 100 20.33 -0.60 14.16
C GLY A 100 19.13 -1.40 14.66
N GLY A 101 18.69 -2.40 13.90
CA GLY A 101 17.63 -3.27 14.29
C GLY A 101 16.28 -2.59 14.42
N PRO A 102 15.32 -3.28 15.02
CA PRO A 102 13.99 -2.68 15.24
C PRO A 102 14.06 -1.34 15.99
N ALA A 103 15.06 -1.14 16.85
CA ALA A 103 15.12 0.05 17.68
C ALA A 103 15.30 1.32 16.85
N ALA A 104 16.13 1.27 15.80
CA ALA A 104 16.27 2.45 14.95
C ALA A 104 14.97 2.77 14.23
N LEU A 105 14.25 1.76 13.76
CA LEU A 105 12.95 2.02 13.13
C LEU A 105 11.99 2.66 14.13
N VAL A 106 11.96 2.16 15.36
CA VAL A 106 11.12 2.76 16.40
C VAL A 106 11.43 4.23 16.58
N ASP A 107 12.72 4.60 16.63
CA ASP A 107 13.08 6.00 16.75
C ASP A 107 12.57 6.81 15.55
N ARG A 108 12.74 6.27 14.33
CA ARG A 108 12.25 6.97 13.14
C ARG A 108 10.73 7.05 13.11
N ALA A 109 10.05 5.95 13.49
CA ALA A 109 8.59 5.98 13.54
C ALA A 109 8.09 6.95 14.60
N SER A 110 8.80 7.07 15.73
CA SER A 110 8.36 7.97 16.80
C SER A 110 8.45 9.43 16.36
N GLU A 111 9.51 9.81 15.64
CA GLU A 111 9.56 11.14 15.02
C GLU A 111 8.34 11.41 14.15
N LEU A 112 7.91 10.40 13.35
CA LEU A 112 6.75 10.61 12.48
C LEU A 112 5.46 10.69 13.28
N MET A 113 5.36 9.92 14.37
CA MET A 113 4.20 10.05 15.24
C MET A 113 4.08 11.47 15.76
N LEU A 114 5.22 12.08 16.11
CA LEU A 114 5.21 13.46 16.59
C LEU A 114 4.74 14.42 15.49
N VAL A 115 5.12 14.18 14.24
CA VAL A 115 4.58 15.01 13.16
C VAL A 115 3.08 14.87 13.11
N LEU A 116 2.59 13.62 13.15
CA LEU A 116 1.16 13.37 13.08
C LEU A 116 0.40 13.99 14.26
N ALA A 117 1.01 14.02 15.45
CA ALA A 117 0.30 14.56 16.61
C ALA A 117 0.12 16.07 16.57
N GLY A 118 0.87 16.77 15.71
CA GLY A 118 0.79 18.22 15.63
C GLY A 118 1.68 18.92 16.66
N GLY A 119 1.83 20.22 16.48
CA GLY A 119 2.56 21.03 17.45
C GLY A 119 4.08 20.82 17.51
N ASN A 120 4.77 21.33 16.49
CA ASN A 120 6.22 21.31 16.22
C ASN A 120 7.10 20.50 17.17
N PRO A 121 7.51 19.31 16.76
CA PRO A 121 8.50 18.53 17.52
C PRO A 121 9.91 19.01 17.22
N PRO A 122 10.93 18.50 17.91
CA PRO A 122 12.31 18.88 17.58
C PRO A 122 12.69 18.47 16.17
N ARG A 123 13.59 19.26 15.56
CA ARG A 123 14.00 18.97 14.20
C ARG A 123 14.75 17.65 14.15
N ALA A 124 14.48 16.87 13.11
CA ALA A 124 15.13 15.58 12.91
C ALA A 124 16.20 15.70 11.84
N MET A 125 17.24 14.87 11.96
N MET A 125 17.20 14.83 11.90
CA MET A 125 18.24 14.78 10.91
CA MET A 125 18.23 14.83 10.86
C MET A 125 17.65 14.16 9.66
C MET A 125 17.88 13.92 9.69
N SER A 126 16.87 13.09 9.82
CA SER A 126 16.25 12.45 8.67
C SER A 126 15.32 13.45 7.97
N PRO A 127 15.26 13.40 6.64
CA PRO A 127 14.32 14.28 5.91
C PRO A 127 12.86 13.81 5.96
N PHE A 128 12.58 12.56 6.34
CA PHE A 128 11.23 12.07 6.25
C PHE A 128 10.21 12.83 7.10
N PRO A 129 10.51 13.23 8.34
CA PRO A 129 9.49 13.98 9.12
C PRO A 129 9.03 15.30 8.46
N ALA A 130 9.94 16.09 7.92
CA ALA A 130 9.54 17.41 7.38
C ALA A 130 8.70 17.27 6.12
N VAL A 131 9.07 16.35 5.23
CA VAL A 131 8.24 16.07 4.07
C VAL A 131 6.84 15.64 4.50
N LEU A 132 6.76 14.74 5.49
CA LEU A 132 5.44 14.34 5.98
C LEU A 132 4.68 15.54 6.49
N HIS A 133 5.35 16.42 7.21
CA HIS A 133 4.69 17.60 7.73
C HIS A 133 4.04 18.40 6.60
N ASP A 134 4.78 18.61 5.52
CA ASP A 134 4.24 19.36 4.39
C ASP A 134 3.12 18.59 3.70
N LEU A 135 3.29 17.27 3.49
CA LEU A 135 2.24 16.49 2.86
C LEU A 135 0.95 16.52 3.67
N LEU A 136 1.03 16.37 4.99
CA LEU A 136 -0.18 16.43 5.81
C LEU A 136 -0.83 17.80 5.74
N ALA A 137 -0.03 18.86 5.65
CA ALA A 137 -0.58 20.21 5.53
C ALA A 137 -1.46 20.36 4.28
N ARG A 138 -0.97 19.87 3.14
CA ARG A 138 -1.75 19.97 1.89
C ARG A 138 -3.00 19.11 1.94
N PHE A 139 -2.93 17.94 2.59
CA PHE A 139 -4.12 17.11 2.68
C PHE A 139 -5.14 17.69 3.64
N ARG A 140 -4.68 18.36 4.72
CA ARG A 140 -5.63 18.96 5.66
C ARG A 140 -6.43 20.07 4.98
N ALA A 141 -5.78 20.87 4.14
CA ALA A 141 -6.48 21.93 3.43
C ALA A 141 -7.54 21.37 2.48
N ARG A 142 -7.31 20.18 1.94
CA ARG A 142 -8.18 19.63 0.90
C ARG A 142 -9.32 18.80 1.47
N ALA A 143 -9.14 18.21 2.65
CA ALA A 143 -10.11 17.26 3.19
C ALA A 143 -11.04 17.91 4.21
N SER A 144 -12.16 17.25 4.44
CA SER A 144 -12.95 17.56 5.62
C SER A 144 -12.18 17.18 6.88
N ALA A 145 -12.66 17.67 8.03
CA ALA A 145 -11.99 17.38 9.30
C ALA A 145 -11.96 15.87 9.55
N ALA A 146 -13.09 15.19 9.33
CA ALA A 146 -13.13 13.76 9.56
C ALA A 146 -12.27 13.02 8.56
N ALA A 147 -12.23 13.49 7.30
CA ALA A 147 -11.44 12.80 6.27
C ALA A 147 -9.95 12.89 6.55
N TYR A 148 -9.48 14.05 7.01
CA TYR A 148 -8.09 14.17 7.38
C TYR A 148 -7.75 13.24 8.55
N HIS A 149 -8.62 13.24 9.57
CA HIS A 149 -8.40 12.37 10.72
C HIS A 149 -8.27 10.91 10.27
N ARG A 150 -9.07 10.49 9.30
CA ARG A 150 -9.00 9.11 8.85
C ARG A 150 -7.70 8.85 8.10
N LEU A 151 -7.26 9.81 7.30
CA LEU A 151 -5.95 9.68 6.67
C LEU A 151 -4.84 9.57 7.72
N ALA A 152 -4.89 10.45 8.72
CA ALA A 152 -3.85 10.47 9.74
C ALA A 152 -3.85 9.19 10.57
N ALA A 153 -5.04 8.66 10.88
CA ALA A 153 -5.14 7.40 11.61
C ALA A 153 -4.51 6.25 10.82
N SER A 154 -4.84 6.15 9.52
CA SER A 154 -4.31 5.07 8.71
C SER A 154 -2.79 5.06 8.76
N LEU A 155 -2.19 6.25 8.75
CA LEU A 155 -0.72 6.36 8.80
C LEU A 155 -0.18 5.97 10.18
N ARG A 156 -0.85 6.39 11.25
CA ARG A 156 -0.42 5.97 12.58
C ARG A 156 -0.43 4.45 12.71
N ASP A 157 -1.48 3.82 12.18
CA ASP A 157 -1.61 2.38 12.27
C ASP A 157 -0.52 1.68 11.46
N THR A 158 -0.22 2.20 10.26
CA THR A 158 0.86 1.62 9.47
C THR A 158 2.19 1.69 10.21
N LEU A 159 2.49 2.81 10.87
CA LEU A 159 3.75 2.91 11.61
C LEU A 159 3.86 1.83 12.71
N MET A 160 2.80 1.61 13.48
CA MET A 160 2.87 0.53 14.46
C MET A 160 3.08 -0.82 13.76
N ALA A 161 2.40 -1.05 12.64
CA ALA A 161 2.55 -2.34 11.96
C ALA A 161 3.94 -2.54 11.36
N LEU A 162 4.60 -1.48 10.89
CA LEU A 162 5.99 -1.62 10.43
C LEU A 162 6.92 -1.92 11.59
N VAL A 163 6.67 -1.31 12.74
CA VAL A 163 7.44 -1.65 13.94
C VAL A 163 7.24 -3.11 14.30
N TRP A 164 5.99 -3.57 14.27
CA TRP A 164 5.69 -4.99 14.52
C TRP A 164 6.46 -5.88 13.54
N GLU A 165 6.35 -5.60 12.24
CA GLU A 165 7.04 -6.43 11.24
C GLU A 165 8.54 -6.47 11.51
N ALA A 166 9.15 -5.33 11.84
CA ALA A 166 10.59 -5.29 12.06
C ALA A 166 11.02 -6.19 13.22
N HIS A 167 10.15 -6.40 14.20
CA HIS A 167 10.46 -7.30 15.32
C HIS A 167 10.27 -8.76 14.98
N HIS A 168 9.70 -9.11 13.83
CA HIS A 168 9.47 -10.50 13.49
C HIS A 168 10.16 -10.95 12.21
N VAL A 169 10.84 -10.06 11.47
CA VAL A 169 11.44 -10.50 10.19
C VAL A 169 12.58 -11.50 10.42
N ALA A 170 13.30 -11.39 11.53
CA ALA A 170 14.37 -12.33 11.82
C ALA A 170 13.87 -13.74 12.05
N LYS A 171 12.60 -13.92 12.44
CA LYS A 171 12.03 -15.24 12.71
C LYS A 171 10.60 -15.28 12.23
N PRO A 172 10.40 -15.27 10.90
CA PRO A 172 9.01 -15.25 10.38
C PRO A 172 8.16 -16.38 10.90
N GLU A 173 8.77 -17.53 11.16
CA GLU A 173 8.01 -18.68 11.64
C GLU A 173 7.44 -18.45 13.03
N GLY A 174 7.92 -17.44 13.75
CA GLY A 174 7.31 -17.13 15.02
C GLY A 174 6.00 -16.37 14.94
N VAL A 175 5.47 -16.13 13.74
CA VAL A 175 4.24 -15.37 13.55
C VAL A 175 3.12 -16.33 13.20
N ALA A 176 2.02 -16.26 13.93
CA ALA A 176 0.83 -17.01 13.57
C ALA A 176 0.19 -16.44 12.32
N LEU A 177 -0.32 -17.33 11.47
CA LEU A 177 -0.93 -16.90 10.21
C LEU A 177 -2.02 -15.88 10.45
N ALA A 178 -2.89 -16.11 11.44
CA ALA A 178 -4.01 -15.20 11.69
C ALA A 178 -3.53 -13.81 12.11
N THR A 179 -2.43 -13.71 12.85
CA THR A 179 -1.89 -12.40 13.19
C THR A 179 -1.37 -11.69 11.94
N TYR A 180 -0.61 -12.40 11.11
CA TYR A 180 -0.09 -11.82 9.89
C TYR A 180 -1.21 -11.28 9.01
N LEU A 181 -2.27 -12.08 8.79
CA LEU A 181 -3.36 -11.63 7.94
C LEU A 181 -4.02 -10.36 8.47
N ALA A 182 -4.10 -10.20 9.80
CA ALA A 182 -4.70 -8.97 10.32
C ALA A 182 -3.75 -7.78 10.24
N MET A 183 -2.43 -8.03 10.32
CA MET A 183 -1.44 -6.95 10.31
C MET A 183 -1.08 -6.49 8.90
N ARG A 184 -1.04 -7.42 7.94
CA ARG A 184 -0.56 -7.13 6.59
C ARG A 184 -1.33 -5.99 5.89
N PRO A 185 -2.65 -5.80 6.07
CA PRO A 185 -3.29 -4.65 5.43
C PRO A 185 -2.68 -3.32 5.84
N HIS A 186 -2.08 -3.26 7.04
CA HIS A 186 -1.45 -2.04 7.53
C HIS A 186 -0.04 -1.86 6.97
N THR A 187 0.66 -2.94 6.63
CA THR A 187 1.97 -2.75 6.01
C THR A 187 1.92 -2.66 4.49
N VAL A 188 0.77 -2.98 3.86
CA VAL A 188 0.67 -2.81 2.42
C VAL A 188 0.10 -1.45 2.02
N PHE A 189 -0.32 -0.63 2.99
CA PHE A 189 -0.71 0.77 2.85
C PHE A 189 -2.10 0.96 2.25
N ILE A 190 -2.92 -0.09 2.16
CA ILE A 190 -4.22 0.01 1.49
C ILE A 190 -5.12 1.01 2.20
N LYS A 191 -5.04 1.11 3.54
CA LYS A 191 -5.95 2.00 4.26
C LYS A 191 -5.60 3.46 3.99
N THR A 192 -4.32 3.76 3.85
CA THR A 192 -3.93 5.12 3.50
C THR A 192 -4.34 5.46 2.08
N ILE A 193 -4.19 4.50 1.16
CA ILE A 193 -4.58 4.73 -0.24
C ILE A 193 -6.07 5.05 -0.33
N THR A 194 -6.91 4.29 0.37
CA THR A 194 -8.35 4.53 0.30
C THR A 194 -8.74 5.83 0.99
N ALA A 195 -8.18 6.11 2.17
CA ALA A 195 -8.48 7.38 2.84
C ALA A 195 -8.05 8.57 2.00
N ALA A 196 -6.90 8.46 1.34
CA ALA A 196 -6.51 9.48 0.39
C ALA A 196 -7.48 9.57 -0.78
N GLY A 197 -8.05 8.43 -1.18
CA GLY A 197 -8.99 8.42 -2.29
C GLY A 197 -10.29 9.14 -1.96
N GLU A 198 -10.85 8.88 -0.78
CA GLU A 198 -12.07 9.59 -0.37
C GLU A 198 -11.86 11.09 -0.43
N ILE A 199 -10.70 11.57 0.06
CA ILE A 199 -10.39 13.00 0.00
C ILE A 199 -10.36 13.48 -1.44
N LEU A 200 -9.55 12.83 -2.27
CA LEU A 200 -9.23 13.38 -3.59
C LEU A 200 -10.36 13.18 -4.59
N LEU A 201 -11.14 12.11 -4.44
CA LEU A 201 -12.32 11.88 -5.25
C LEU A 201 -13.54 12.64 -4.75
N GLY A 202 -13.42 13.36 -3.64
CA GLY A 202 -14.50 14.19 -3.12
C GLY A 202 -15.74 13.44 -2.70
N TYR A 203 -15.59 12.41 -1.88
CA TYR A 203 -16.73 11.74 -1.26
C TYR A 203 -16.32 11.30 0.14
N GLU A 204 -17.29 10.77 0.89
CA GLU A 204 -17.08 10.44 2.29
C GLU A 204 -18.28 9.65 2.78
N LEU A 205 -18.03 8.62 3.57
CA LEU A 205 -19.07 7.73 4.08
C LEU A 205 -19.46 8.11 5.49
N THR A 206 -20.75 7.98 5.80
CA THR A 206 -21.17 8.14 7.18
C THR A 206 -20.65 6.97 8.02
N ASP A 207 -20.53 7.19 9.32
CA ASP A 207 -20.04 6.13 10.19
C ASP A 207 -20.99 4.94 10.20
N THR A 208 -22.27 5.16 9.86
CA THR A 208 -23.21 4.04 9.77
C THR A 208 -23.02 3.25 8.48
N GLN A 209 -22.67 3.94 7.39
CA GLN A 209 -22.35 3.24 6.16
C GLN A 209 -21.10 2.39 6.31
N ARG A 210 -20.06 2.92 6.98
CA ARG A 210 -18.85 2.14 7.22
C ARG A 210 -19.14 0.89 8.04
N ALA A 211 -20.23 0.87 8.80
CA ALA A 211 -20.55 -0.30 9.60
C ALA A 211 -21.31 -1.36 8.81
N LEU A 212 -21.86 -1.01 7.64
CA LEU A 212 -22.55 -1.97 6.79
C LEU A 212 -21.66 -3.16 6.49
N ALA A 213 -22.24 -4.36 6.62
CA ALA A 213 -21.50 -5.58 6.29
C ALA A 213 -20.96 -5.54 4.86
N ALA A 214 -21.78 -5.06 3.92
CA ALA A 214 -21.36 -5.02 2.52
C ALA A 214 -20.14 -4.14 2.32
N VAL A 215 -20.07 -3.04 3.08
CA VAL A 215 -18.93 -2.13 2.96
C VAL A 215 -17.69 -2.75 3.60
N ARG A 216 -17.85 -3.33 4.80
CA ARG A 216 -16.72 -3.92 5.51
C ARG A 216 -16.19 -5.14 4.78
N ASN A 217 -17.08 -5.98 4.25
CA ASN A 217 -16.64 -7.22 3.60
C ASN A 217 -15.84 -6.92 2.34
N LEU A 218 -16.22 -5.87 1.61
CA LEU A 218 -15.48 -5.47 0.43
C LEU A 218 -14.12 -4.88 0.80
N GLU A 219 -14.09 -4.04 1.83
CA GLU A 219 -12.82 -3.44 2.23
C GLU A 219 -11.86 -4.51 2.72
N THR A 220 -12.36 -5.50 3.44
CA THR A 220 -11.52 -6.60 3.90
C THR A 220 -10.96 -7.41 2.73
N ALA A 221 -11.78 -7.70 1.72
CA ALA A 221 -11.32 -8.52 0.60
C ALA A 221 -10.29 -7.79 -0.25
N VAL A 222 -10.47 -6.48 -0.44
CA VAL A 222 -9.50 -5.68 -1.17
C VAL A 222 -8.19 -5.57 -0.39
N ALA A 223 -8.27 -5.34 0.93
CA ALA A 223 -7.07 -5.32 1.76
C ALA A 223 -6.32 -6.66 1.71
N ASN A 224 -7.05 -7.78 1.85
CA ASN A 224 -6.39 -9.08 1.75
C ASN A 224 -5.70 -9.27 0.41
N LEU A 225 -6.44 -8.97 -0.67
CA LEU A 225 -5.93 -9.19 -2.01
C LEU A 225 -4.69 -8.34 -2.28
N ALA A 226 -4.71 -7.08 -1.86
CA ALA A 226 -3.56 -6.21 -2.06
C ALA A 226 -2.31 -6.76 -1.38
N GLY A 227 -2.43 -7.14 -0.12
CA GLY A 227 -1.27 -7.69 0.59
C GLY A 227 -0.80 -9.02 0.02
N TRP A 228 -1.74 -9.91 -0.32
CA TRP A 228 -1.34 -11.25 -0.71
C TRP A 228 -0.69 -11.26 -2.10
N ILE A 229 -1.24 -10.50 -3.06
CA ILE A 229 -0.63 -10.50 -4.38
C ILE A 229 0.73 -9.84 -4.33
N ASN A 230 0.89 -8.81 -3.48
CA ASN A 230 2.21 -8.24 -3.30
C ASN A 230 3.16 -9.25 -2.72
N ASP A 231 2.70 -10.03 -1.73
CA ASP A 231 3.54 -11.08 -1.16
C ASP A 231 4.01 -12.04 -2.24
N LEU A 232 3.10 -12.47 -3.11
CA LEU A 232 3.49 -13.45 -4.11
C LEU A 232 4.42 -12.83 -5.14
N ALA A 233 4.09 -11.62 -5.60
CA ALA A 233 4.92 -10.94 -6.61
C ALA A 233 6.31 -10.61 -6.09
N SER A 234 6.45 -10.32 -4.79
CA SER A 234 7.69 -9.88 -4.13
C SER A 234 8.53 -11.03 -3.56
N TYR A 235 8.04 -12.27 -3.60
CA TYR A 235 8.72 -13.35 -2.90
C TYR A 235 10.10 -13.62 -3.48
N GLU A 236 10.22 -13.68 -4.81
CA GLU A 236 11.52 -13.97 -5.42
C GLU A 236 12.53 -12.87 -5.14
N ARG A 237 12.11 -11.60 -5.32
N ARG A 237 12.14 -11.61 -5.36
CA ARG A 237 13.01 -10.48 -5.02
CA ARG A 237 13.01 -10.50 -5.02
C ARG A 237 13.33 -10.40 -3.54
C ARG A 237 13.35 -10.50 -3.54
N GLU A 238 12.32 -10.55 -2.67
CA GLU A 238 12.55 -10.50 -1.23
C GLU A 238 13.46 -11.65 -0.79
N MET A 239 13.42 -12.77 -1.52
CA MET A 239 14.27 -13.93 -1.24
C MET A 239 15.71 -13.72 -1.68
N GLN A 240 15.92 -13.18 -2.88
CA GLN A 240 17.27 -13.03 -3.43
C GLN A 240 18.17 -12.15 -2.56
N ARG A 241 17.63 -11.42 -1.60
CA ARG A 241 18.46 -10.76 -0.60
C ARG A 241 19.22 -11.81 0.22
N GLY A 242 20.00 -11.36 1.19
CA GLY A 242 20.81 -12.30 1.95
C GLY A 242 19.98 -13.18 2.86
N ARG A 243 19.08 -12.57 3.64
CA ARG A 243 18.29 -13.27 4.63
C ARG A 243 17.47 -14.41 4.00
N GLY A 244 16.87 -15.23 4.86
CA GLY A 244 16.07 -16.35 4.39
C GLY A 244 14.68 -15.99 3.91
N GLN A 245 13.69 -16.79 4.30
CA GLN A 245 12.33 -16.58 3.82
C GLN A 245 11.75 -15.27 4.37
N PRO A 246 11.01 -14.52 3.58
CA PRO A 246 10.43 -13.27 4.07
C PRO A 246 9.21 -13.53 4.94
N LEU A 247 8.88 -12.52 5.74
CA LEU A 247 7.66 -12.53 6.54
C LEU A 247 6.52 -12.18 5.59
N SER A 248 5.86 -13.22 5.07
CA SER A 248 4.83 -13.01 4.05
C SER A 248 4.02 -14.29 3.91
N LEU A 249 2.94 -14.19 3.16
CA LEU A 249 1.94 -15.26 3.09
C LEU A 249 2.52 -16.62 2.71
N PRO A 250 3.27 -16.78 1.60
CA PRO A 250 3.73 -18.13 1.25
C PRO A 250 4.62 -18.73 2.31
N THR A 251 5.48 -17.93 2.92
CA THR A 251 6.35 -18.42 3.99
C THR A 251 5.52 -19.01 5.14
N LEU A 252 4.41 -18.36 5.50
CA LEU A 252 3.61 -18.84 6.63
C LEU A 252 2.75 -20.03 6.25
N LEU A 253 2.25 -20.08 5.02
CA LEU A 253 1.53 -21.27 4.57
C LEU A 253 2.47 -22.47 4.50
N HIS A 254 3.70 -22.24 4.05
CA HIS A 254 4.69 -23.32 3.98
C HIS A 254 4.99 -23.87 5.37
N ALA A 255 5.13 -22.98 6.36
CA ALA A 255 5.36 -23.43 7.72
C ALA A 255 4.13 -24.13 8.29
N ARG A 256 2.93 -23.68 7.92
CA ARG A 256 1.71 -24.23 8.50
C ARG A 256 1.45 -25.65 7.98
N HIS A 257 1.59 -25.84 6.67
CA HIS A 257 1.19 -27.10 6.03
C HIS A 257 2.35 -28.03 5.74
N GLY A 258 3.59 -27.63 6.01
CA GLY A 258 4.71 -28.36 5.45
C GLY A 258 4.59 -28.41 3.94
N GLY A 259 5.15 -29.47 3.34
CA GLY A 259 5.14 -29.56 1.89
C GLY A 259 6.19 -28.65 1.28
N THR A 260 5.92 -28.18 0.06
CA THR A 260 6.89 -27.41 -0.70
C THR A 260 6.42 -25.98 -0.91
N ILE A 261 7.37 -25.10 -1.28
CA ILE A 261 7.02 -23.72 -1.59
C ILE A 261 6.07 -23.67 -2.77
N GLU A 262 6.22 -24.58 -3.73
CA GLU A 262 5.31 -24.59 -4.87
C GLU A 262 3.87 -24.85 -4.42
N GLU A 263 3.67 -25.78 -3.49
CA GLU A 263 2.32 -26.03 -2.97
C GLU A 263 1.84 -24.85 -2.13
N ALA A 264 2.74 -24.17 -1.45
CA ALA A 264 2.34 -22.96 -0.72
C ALA A 264 1.82 -21.89 -1.68
N PHE A 265 2.47 -21.75 -2.84
CA PHE A 265 2.04 -20.75 -3.83
C PHE A 265 0.72 -21.13 -4.47
N THR A 266 0.52 -22.42 -4.72
CA THR A 266 -0.78 -22.89 -5.20
C THR A 266 -1.88 -22.54 -4.20
N ARG A 267 -1.61 -22.80 -2.92
CA ARG A 267 -2.58 -22.49 -1.88
C ARG A 267 -2.86 -20.99 -1.84
N ALA A 268 -1.79 -20.18 -1.82
CA ALA A 268 -1.95 -18.73 -1.82
C ALA A 268 -2.67 -18.25 -3.08
N SER A 269 -2.38 -18.85 -4.24
CA SER A 269 -3.06 -18.42 -5.45
C SER A 269 -4.54 -18.72 -5.37
N SER A 270 -4.91 -19.86 -4.78
CA SER A 270 -6.33 -20.12 -4.56
C SER A 270 -6.93 -19.11 -3.60
N MET A 271 -6.23 -18.82 -2.49
CA MET A 271 -6.72 -17.79 -1.58
C MET A 271 -6.99 -16.48 -2.30
N CYS A 272 -6.09 -16.07 -3.20
CA CYS A 272 -6.23 -14.79 -3.89
C CYS A 272 -7.39 -14.79 -4.88
N GLU A 273 -7.55 -15.89 -5.64
CA GLU A 273 -8.68 -15.94 -6.59
C GLU A 273 -10.02 -15.94 -5.87
N ASN A 274 -10.12 -16.67 -4.77
CA ASN A 274 -11.34 -16.60 -3.98
C ASN A 274 -11.59 -15.17 -3.51
N GLU A 275 -10.55 -14.52 -2.98
CA GLU A 275 -10.71 -13.17 -2.46
C GLU A 275 -11.09 -12.19 -3.55
N ALA A 276 -10.55 -12.39 -4.76
CA ALA A 276 -10.94 -11.54 -5.88
C ALA A 276 -12.40 -11.75 -6.24
N ALA A 277 -12.88 -12.99 -6.18
CA ALA A 277 -14.31 -13.26 -6.42
C ALA A 277 -15.19 -12.58 -5.38
N VAL A 278 -14.80 -12.65 -4.09
CA VAL A 278 -15.53 -11.92 -3.05
C VAL A 278 -15.54 -10.43 -3.33
N ALA A 279 -14.37 -9.89 -3.71
CA ALA A 279 -14.30 -8.47 -3.98
C ALA A 279 -15.15 -8.08 -5.19
N ARG A 280 -15.13 -8.89 -6.24
CA ARG A 280 -15.94 -8.59 -7.43
C ARG A 280 -17.42 -8.55 -7.06
N ARG A 281 -17.90 -9.60 -6.38
CA ARG A 281 -19.29 -9.63 -5.91
C ARG A 281 -19.61 -8.43 -5.02
N GLY A 282 -18.67 -8.03 -4.15
CA GLY A 282 -18.94 -6.87 -3.30
C GLY A 282 -19.02 -5.58 -4.10
N ILE A 283 -18.19 -5.45 -5.15
CA ILE A 283 -18.25 -4.26 -5.96
C ILE A 283 -19.60 -4.17 -6.67
N THR A 284 -20.12 -5.32 -7.11
CA THR A 284 -21.39 -5.31 -7.83
C THR A 284 -22.55 -4.93 -6.92
N HIS A 285 -22.60 -5.52 -5.72
CA HIS A 285 -23.61 -5.17 -4.74
C HIS A 285 -23.61 -3.66 -4.47
N LEU A 286 -22.45 -3.09 -4.16
CA LEU A 286 -22.41 -1.68 -3.79
C LEU A 286 -22.66 -0.77 -4.98
N ALA A 287 -22.29 -1.19 -6.19
CA ALA A 287 -22.49 -0.34 -7.35
C ALA A 287 -23.94 -0.33 -7.83
N HIS A 288 -24.74 -1.32 -7.42
CA HIS A 288 -26.14 -1.41 -7.82
C HIS A 288 -26.98 -0.33 -7.17
N ALA A 289 -26.44 0.88 -7.09
CA ALA A 289 -27.12 2.06 -6.55
C ALA A 289 -27.47 1.87 -5.08
N SER A 290 -27.82 2.98 -4.42
CA SER A 290 -28.07 3.19 -3.00
C SER A 290 -27.73 4.67 -2.81
N PRO A 291 -27.25 5.14 -1.66
CA PRO A 291 -26.57 6.44 -1.67
C PRO A 291 -25.45 6.44 -2.70
N ASN A 292 -25.24 7.61 -3.32
CA ASN A 292 -24.15 7.75 -4.27
C ASN A 292 -22.80 7.52 -3.61
N ALA A 293 -22.73 7.58 -2.27
CA ALA A 293 -21.48 7.37 -1.58
C ALA A 293 -21.08 5.90 -1.54
N LEU A 294 -22.05 4.98 -1.55
CA LEU A 294 -21.72 3.55 -1.58
C LEU A 294 -21.28 3.12 -2.98
N THR A 295 -21.96 3.58 -4.03
CA THR A 295 -21.30 3.67 -5.30
C THR A 295 -20.15 4.68 -5.17
N ALA A 296 -19.39 4.90 -6.24
CA ALA A 296 -18.18 5.71 -6.11
C ALA A 296 -17.17 5.07 -5.15
N HIS A 297 -17.59 4.72 -3.92
CA HIS A 297 -16.72 3.93 -3.05
C HIS A 297 -16.46 2.56 -3.66
N ALA A 298 -17.50 1.91 -4.15
CA ALA A 298 -17.30 0.64 -4.85
C ALA A 298 -16.40 0.84 -6.06
N ARG A 299 -16.57 1.95 -6.78
CA ARG A 299 -15.74 2.23 -7.94
C ARG A 299 -14.33 2.66 -7.54
N ALA A 300 -14.22 3.46 -6.48
CA ALA A 300 -12.89 3.77 -5.95
C ALA A 300 -12.12 2.50 -5.60
N LEU A 301 -12.77 1.58 -4.88
CA LEU A 301 -12.11 0.34 -4.49
C LEU A 301 -11.80 -0.55 -5.69
N GLU A 302 -12.61 -0.48 -6.75
CA GLU A 302 -12.31 -1.27 -7.93
C GLU A 302 -11.03 -0.81 -8.59
N ASP A 303 -10.85 0.50 -8.72
CA ASP A 303 -9.65 1.03 -9.38
C ASP A 303 -8.41 0.79 -8.52
N ILE A 304 -8.51 1.00 -7.21
CA ILE A 304 -7.43 0.65 -6.29
C ILE A 304 -7.01 -0.80 -6.49
N THR A 305 -8.00 -1.71 -6.59
CA THR A 305 -7.70 -3.12 -6.75
C THR A 305 -7.02 -3.41 -8.09
N ARG A 306 -7.53 -2.81 -9.17
CA ARG A 306 -6.91 -2.98 -10.48
C ARG A 306 -5.46 -2.49 -10.48
N SER A 307 -5.19 -1.38 -9.79
CA SER A 307 -3.83 -0.84 -9.76
C SER A 307 -2.87 -1.77 -9.03
N PHE A 308 -3.34 -2.44 -7.97
CA PHE A 308 -2.50 -3.39 -7.26
C PHE A 308 -2.21 -4.60 -8.13
N ILE A 309 -3.19 -5.05 -8.91
CA ILE A 309 -2.91 -6.14 -9.82
C ILE A 309 -1.93 -5.70 -10.90
N TRP A 310 -2.12 -4.50 -11.44
CA TRP A 310 -1.19 -3.97 -12.42
C TRP A 310 0.23 -3.96 -11.87
N HIS A 311 0.43 -3.46 -10.66
N HIS A 311 0.39 -3.45 -10.65
CA HIS A 311 1.82 -3.18 -10.32
CA HIS A 311 1.71 -3.22 -10.04
C HIS A 311 2.64 -4.44 -10.05
C HIS A 311 2.60 -4.44 -10.13
N THR A 312 2.02 -5.63 -9.98
CA THR A 312 2.81 -6.85 -9.86
C THR A 312 3.62 -7.18 -11.11
N SER A 313 3.34 -6.58 -12.27
CA SER A 313 4.18 -6.84 -13.44
C SER A 313 5.35 -5.86 -13.55
N HIS A 314 5.49 -4.92 -12.61
CA HIS A 314 6.49 -3.89 -12.74
C HIS A 314 7.88 -4.47 -12.48
N ALA A 315 8.89 -3.71 -12.92
CA ALA A 315 10.28 -4.13 -12.75
C ALA A 315 10.66 -4.22 -11.28
N ARG A 316 10.07 -3.38 -10.42
CA ARG A 316 10.35 -3.46 -8.99
C ARG A 316 10.19 -4.87 -8.43
N TYR A 317 9.38 -5.73 -9.09
CA TYR A 317 9.07 -7.07 -8.59
C TYR A 317 9.74 -8.19 -9.38
N GLN A 318 9.65 -8.16 -10.72
CA GLN A 318 10.02 -9.34 -11.50
C GLN A 318 11.19 -9.08 -12.46
N GLY A 319 11.79 -7.90 -12.42
CA GLY A 319 12.86 -7.61 -13.37
C GLY A 319 12.33 -7.63 -14.79
N ILE A 320 12.92 -8.48 -15.63
CA ILE A 320 12.49 -8.64 -17.01
C ILE A 320 11.66 -9.93 -17.16
O11 PPV B . 7.27 -4.03 1.38
P1 PPV B . 6.13 -4.53 0.57
O21 PPV B . 6.23 -6.00 0.27
O31 PPV B . 4.78 -4.08 1.04
OPP PPV B . 6.25 -3.88 -0.88
P2 PPV B . 7.25 -4.42 -1.96
O12 PPV B . 7.05 -3.58 -3.13
O22 PPV B . 6.92 -5.82 -2.16
O32 PPV B . 8.57 -4.26 -1.33
MG MG C . 6.16 -7.47 -1.11
MG MG D . 9.14 -3.87 0.59
MG MG E . 7.02 -3.72 3.61
C1 GOL F . -0.42 19.14 9.33
O1 GOL F . -1.81 19.39 9.43
C2 GOL F . 0.23 18.95 10.69
O2 GOL F . -0.54 18.12 11.54
C3 GOL F . 1.65 18.43 10.60
O3 GOL F . 2.28 18.40 11.88
C1 PEG G . -4.60 14.74 14.14
O1 PEG G . -5.02 13.47 13.69
C2 PEG G . -3.52 14.55 15.23
O2 PEG G . -3.64 15.48 16.27
C3 PEG G . -4.25 14.97 17.43
C4 PEG G . -3.20 14.77 18.54
O4 PEG G . -3.79 14.05 19.60
C1 PEG H . -7.85 -10.58 7.63
O1 PEG H . -7.88 -10.42 9.03
C2 PEG H . -7.52 -9.34 6.90
O2 PEG H . -7.99 -8.20 7.62
C3 PEG H . -8.16 -7.06 6.81
C4 PEG H . -8.64 -5.93 7.63
O4 PEG H . -8.67 -4.72 6.91
C1 PEG I . -15.38 -8.08 -14.76
O1 PEG I . -15.97 -8.98 -13.83
C2 PEG I . -15.59 -6.65 -14.37
O2 PEG I . -14.71 -5.80 -15.10
C3 PEG I . -13.74 -5.15 -14.28
C4 PEG I . -12.43 -5.09 -14.97
O4 PEG I . -11.33 -4.83 -14.10
#